data_8T97
#
_entry.id   8T97
#
_cell.length_a   63.214
_cell.length_b   103.123
_cell.length_c   103.846
_cell.angle_alpha   90.00
_cell.angle_beta   90.00
_cell.angle_gamma   90.00
#
_symmetry.space_group_name_H-M   'C 2 2 21'
#
loop_
_entity.id
_entity.type
_entity.pdbx_description
1 polymer Kinase
2 non-polymer "ADENOSINE-5'-DIPHOSPHATE"
3 non-polymer 'MAGNESIUM ION'
4 non-polymer 'D-chiro inositol hexakisphosphate'
5 non-polymer 'PHOSPHATE ION'
6 water water
#
_entity_poly.entity_id   1
_entity_poly.type   'polypeptide(L)'
_entity_poly.pdbx_seq_one_letter_code
;DITNMSNIDLQSSKSVADEVIADIAEIVNKESIRIFPRIAGRSYIIYGQTSGIICKRMEKSDNEFVIYNYISEHYDKFLK
KYVPKLYGKNNDMLLLEDLTYNYNNPNVMDVKIGARKRKSHTSGFFSIRGYTNSHDYKFDPDEYLTSESTINHIKNFMEA
GGENRDKTKQVLLKWIMKLSELANDLFEINLKFDGVSLIFIYDDDCSKCDVNVVDFSRVKLIDTNDQMTISAVTNLIKIL
SELADNPLN
;
_entity_poly.pdbx_strand_id   A
#
# COMPACT_ATOMS: atom_id res chain seq x y z
N ILE A 33 -11.54 -19.09 14.26
CA ILE A 33 -11.28 -17.86 13.46
C ILE A 33 -9.80 -17.86 13.01
N ARG A 34 -9.56 -17.79 11.68
CA ARG A 34 -8.21 -17.85 11.05
C ARG A 34 -7.67 -16.42 10.87
N ILE A 35 -6.63 -16.07 11.64
CA ILE A 35 -5.94 -14.75 11.60
C ILE A 35 -5.26 -14.55 10.23
N PHE A 36 -5.44 -13.35 9.65
CA PHE A 36 -4.81 -12.94 8.36
C PHE A 36 -3.35 -12.54 8.62
N PRO A 37 -2.37 -13.08 7.83
CA PRO A 37 -0.96 -12.71 7.98
C PRO A 37 -0.69 -11.26 7.52
N ARG A 38 -1.04 -10.29 8.38
CA ARG A 38 -0.74 -8.84 8.21
C ARG A 38 0.76 -8.66 8.03
N ILE A 39 1.15 -7.56 7.38
CA ILE A 39 2.56 -7.12 7.27
C ILE A 39 2.78 -5.91 8.21
N ALA A 40 1.71 -5.24 8.64
CA ALA A 40 1.76 -4.07 9.55
C ALA A 40 0.37 -3.76 10.13
N GLY A 41 0.27 -2.71 10.95
CA GLY A 41 -0.99 -2.26 11.59
C GLY A 41 -1.21 -2.98 12.91
N ARG A 42 -2.20 -2.53 13.71
CA ARG A 42 -2.63 -3.21 14.96
C ARG A 42 -4.07 -3.74 14.81
N SER A 43 -4.73 -3.43 13.69
CA SER A 43 -6.12 -3.84 13.33
C SER A 43 -6.34 -5.35 13.49
N TYR A 44 -7.50 -5.72 14.04
CA TYR A 44 -8.00 -7.11 13.98
C TYR A 44 -8.45 -7.37 12.54
N ILE A 45 -7.70 -8.24 11.84
CA ILE A 45 -7.96 -8.69 10.44
C ILE A 45 -7.89 -10.22 10.41
N ILE A 46 -8.97 -10.84 9.95
CA ILE A 46 -9.11 -12.31 9.78
C ILE A 46 -9.44 -12.61 8.33
N TYR A 47 -9.21 -13.84 7.87
CA TYR A 47 -9.86 -14.38 6.65
C TYR A 47 -11.38 -14.37 6.86
N GLY A 48 -12.14 -14.09 5.80
CA GLY A 48 -13.60 -14.31 5.76
C GLY A 48 -13.86 -15.79 5.88
N GLN A 49 -15.09 -16.19 6.23
CA GLN A 49 -15.52 -17.62 6.24
C GLN A 49 -15.46 -18.17 4.81
N THR A 50 -15.23 -17.27 3.84
CA THR A 50 -15.32 -17.47 2.36
C THR A 50 -13.98 -17.08 1.68
N SER A 51 -13.68 -17.74 0.56
CA SER A 51 -12.55 -17.45 -0.36
C SER A 51 -12.49 -15.97 -0.79
N GLY A 52 -11.31 -15.34 -0.73
CA GLY A 52 -10.96 -14.04 -1.34
C GLY A 52 -11.48 -12.83 -0.56
N ILE A 53 -11.86 -13.01 0.70
CA ILE A 53 -12.38 -11.90 1.54
C ILE A 53 -11.55 -11.88 2.81
N ILE A 54 -11.25 -10.68 3.31
CA ILE A 54 -10.70 -10.48 4.67
C ILE A 54 -11.66 -9.57 5.41
N CYS A 55 -11.77 -9.78 6.71
CA CYS A 55 -12.65 -9.01 7.62
C CYS A 55 -11.74 -8.14 8.48
N LYS A 56 -11.86 -6.83 8.31
CA LYS A 56 -11.09 -5.82 9.08
C LYS A 56 -12.06 -5.18 10.05
N ARG A 57 -11.72 -5.21 11.34
CA ARG A 57 -12.48 -4.51 12.41
C ARG A 57 -12.15 -3.01 12.34
N MET A 58 -13.20 -2.18 12.33
CA MET A 58 -13.10 -0.73 12.59
C MET A 58 -13.02 -0.56 14.12
N GLU A 59 -11.84 -0.26 14.64
CA GLU A 59 -11.54 -0.26 16.09
C GLU A 59 -12.15 1.00 16.75
N LYS A 60 -12.03 2.18 16.14
CA LYS A 60 -12.20 3.46 16.86
C LYS A 60 -13.46 4.17 16.42
N SER A 61 -13.73 4.23 15.12
CA SER A 61 -14.97 4.81 14.54
C SER A 61 -15.29 4.08 13.23
N ASP A 62 -16.46 4.37 12.68
CA ASP A 62 -16.91 3.86 11.36
C ASP A 62 -16.35 4.78 10.24
N ASN A 63 -15.40 5.68 10.53
CA ASN A 63 -14.91 6.70 9.56
C ASN A 63 -14.44 6.03 8.25
N GLU A 64 -13.73 4.92 8.32
CA GLU A 64 -13.26 4.16 7.15
C GLU A 64 -14.45 3.91 6.19
N PHE A 65 -15.57 3.42 6.70
CA PHE A 65 -16.80 3.11 5.94
C PHE A 65 -17.38 4.41 5.37
N VAL A 66 -17.42 5.45 6.17
CA VAL A 66 -17.96 6.75 5.67
C VAL A 66 -17.14 7.21 4.47
N ILE A 67 -15.83 7.14 4.56
CA ILE A 67 -14.90 7.55 3.48
C ILE A 67 -15.03 6.67 2.24
N TYR A 68 -15.18 5.35 2.38
CA TYR A 68 -15.34 4.52 1.16
C TYR A 68 -16.60 4.95 0.43
N ASN A 69 -17.68 5.16 1.16
CA ASN A 69 -18.97 5.57 0.57
C ASN A 69 -18.85 6.93 -0.10
N TYR A 70 -18.12 7.85 0.51
CA TYR A 70 -17.94 9.19 -0.08
C TYR A 70 -17.11 9.09 -1.36
N ILE A 71 -16.09 8.25 -1.36
CA ILE A 71 -15.24 8.14 -2.57
C ILE A 71 -16.08 7.44 -3.64
N SER A 72 -16.89 6.49 -3.23
CA SER A 72 -17.77 5.73 -4.15
C SER A 72 -18.67 6.71 -4.91
N GLU A 73 -19.14 7.74 -4.23
CA GLU A 73 -20.12 8.69 -4.82
C GLU A 73 -19.40 9.81 -5.56
N HIS A 74 -18.19 10.24 -5.19
CA HIS A 74 -17.58 11.47 -5.76
C HIS A 74 -16.37 11.17 -6.66
N TYR A 75 -15.74 10.02 -6.50
CA TYR A 75 -14.51 9.63 -7.21
C TYR A 75 -14.56 8.13 -7.50
N ASP A 76 -15.68 7.71 -8.06
CA ASP A 76 -15.98 6.29 -8.34
C ASP A 76 -14.78 5.65 -9.08
N LYS A 77 -14.21 6.36 -10.06
CA LYS A 77 -13.15 5.83 -10.97
C LYS A 77 -11.90 5.52 -10.15
N PHE A 78 -11.56 6.39 -9.18
CA PHE A 78 -10.44 6.26 -8.23
C PHE A 78 -10.60 4.97 -7.41
N LEU A 79 -11.81 4.69 -6.96
CA LEU A 79 -12.09 3.50 -6.12
C LEU A 79 -11.84 2.24 -6.93
N LYS A 80 -12.28 2.23 -8.18
CA LYS A 80 -12.18 1.06 -9.07
C LYS A 80 -10.72 0.83 -9.46
N LYS A 81 -9.96 1.88 -9.76
CA LYS A 81 -8.59 1.67 -10.26
C LYS A 81 -7.68 1.27 -9.09
N TYR A 82 -7.81 1.87 -7.89
CA TYR A 82 -6.69 1.91 -6.91
C TYR A 82 -7.02 1.20 -5.60
N VAL A 83 -8.29 0.89 -5.32
CA VAL A 83 -8.70 0.50 -3.94
C VAL A 83 -9.27 -0.92 -3.95
N PRO A 84 -8.92 -1.76 -2.97
CA PRO A 84 -9.57 -3.04 -2.85
C PRO A 84 -11.08 -2.79 -2.72
N LYS A 85 -11.83 -3.66 -3.36
CA LYS A 85 -13.30 -3.70 -3.36
C LYS A 85 -13.78 -3.85 -1.91
N LEU A 86 -14.73 -3.03 -1.51
CA LEU A 86 -15.52 -3.22 -0.29
C LEU A 86 -16.82 -3.94 -0.67
N TYR A 87 -16.97 -5.19 -0.27
CA TYR A 87 -18.18 -6.00 -0.58
C TYR A 87 -19.29 -5.71 0.42
N GLY A 88 -18.99 -5.24 1.63
CA GLY A 88 -20.06 -4.98 2.61
C GLY A 88 -19.56 -4.67 4.00
N LYS A 89 -20.51 -4.36 4.88
CA LYS A 89 -20.30 -4.11 6.32
C LYS A 89 -21.10 -5.16 7.08
N ASN A 90 -20.56 -5.59 8.23
CA ASN A 90 -21.17 -6.54 9.18
C ASN A 90 -20.89 -6.04 10.60
N ASN A 91 -21.83 -5.31 11.18
CA ASN A 91 -21.63 -4.62 12.48
C ASN A 91 -20.42 -3.69 12.33
N ASP A 92 -19.30 -4.00 12.94
CA ASP A 92 -18.07 -3.19 12.92
C ASP A 92 -17.02 -3.80 11.97
N MET A 93 -17.33 -4.89 11.25
CA MET A 93 -16.40 -5.54 10.28
C MET A 93 -16.64 -5.03 8.83
N LEU A 94 -15.57 -4.63 8.13
CA LEU A 94 -15.59 -4.42 6.65
C LEU A 94 -15.20 -5.73 5.97
N LEU A 95 -15.96 -6.14 4.96
CA LEU A 95 -15.59 -7.28 4.08
C LEU A 95 -14.89 -6.70 2.84
N LEU A 96 -13.60 -7.01 2.71
CA LEU A 96 -12.69 -6.40 1.72
C LEU A 96 -12.13 -7.50 0.83
N GLU A 97 -11.92 -7.17 -0.43
CA GLU A 97 -11.14 -8.00 -1.37
C GLU A 97 -9.79 -8.29 -0.73
N ASP A 98 -9.43 -9.57 -0.66
CA ASP A 98 -8.10 -10.05 -0.26
C ASP A 98 -7.15 -9.79 -1.43
N LEU A 99 -6.26 -8.81 -1.27
CA LEU A 99 -5.31 -8.42 -2.36
C LEU A 99 -4.29 -9.53 -2.61
N THR A 100 -4.14 -10.49 -1.69
CA THR A 100 -3.15 -11.60 -1.86
C THR A 100 -3.79 -12.82 -2.50
N TYR A 101 -5.11 -12.87 -2.68
CA TYR A 101 -5.83 -14.14 -2.98
C TYR A 101 -5.29 -14.83 -4.25
N ASN A 102 -5.09 -14.07 -5.34
CA ASN A 102 -4.77 -14.66 -6.68
C ASN A 102 -3.28 -14.98 -6.80
N TYR A 103 -2.56 -15.20 -5.69
CA TYR A 103 -1.09 -15.29 -5.70
C TYR A 103 -0.69 -16.62 -5.07
N ASN A 104 0.12 -17.40 -5.79
CA ASN A 104 0.78 -18.61 -5.25
C ASN A 104 1.69 -18.22 -4.08
N ASN A 105 2.59 -17.26 -4.27
CA ASN A 105 3.64 -16.90 -3.28
C ASN A 105 3.76 -15.39 -3.21
N PRO A 106 2.81 -14.68 -2.57
CA PRO A 106 2.77 -13.23 -2.63
C PRO A 106 3.93 -12.67 -1.82
N ASN A 107 4.54 -11.57 -2.27
CA ASN A 107 5.40 -10.75 -1.39
C ASN A 107 4.69 -9.42 -1.17
N VAL A 108 4.47 -9.05 0.07
CA VAL A 108 3.70 -7.81 0.37
C VAL A 108 4.64 -6.79 0.98
N MET A 109 4.53 -5.52 0.57
CA MET A 109 5.16 -4.37 1.30
C MET A 109 4.11 -3.30 1.60
N ASP A 110 4.03 -2.85 2.86
CA ASP A 110 3.16 -1.72 3.30
C ASP A 110 4.05 -0.48 3.37
N VAL A 111 3.71 0.54 2.60
CA VAL A 111 4.37 1.88 2.66
C VAL A 111 3.29 2.89 2.97
N LYS A 112 3.39 3.56 4.11
CA LYS A 112 2.50 4.68 4.52
C LYS A 112 2.89 5.91 3.70
N ILE A 113 1.99 6.37 2.83
CA ILE A 113 2.21 7.54 1.96
C ILE A 113 1.43 8.72 2.54
N GLY A 114 0.45 8.49 3.41
CA GLY A 114 -0.30 9.59 4.03
C GLY A 114 0.38 10.09 5.30
N ALA A 115 -0.07 11.20 5.84
CA ALA A 115 0.60 11.75 7.03
C ALA A 115 0.42 10.84 8.24
N ARG A 116 1.46 10.76 9.07
CA ARG A 116 1.43 10.01 10.34
C ARG A 116 0.60 10.81 11.35
N LYS A 117 0.10 10.15 12.38
CA LYS A 117 -0.69 10.84 13.43
C LYS A 117 0.17 11.95 14.02
N ARG A 118 1.32 11.66 14.63
CA ARG A 118 2.15 12.79 15.11
C ARG A 118 3.64 12.65 14.75
N LYS A 119 4.11 11.48 14.35
CA LYS A 119 5.55 11.33 14.02
C LYS A 119 5.86 11.76 12.59
N SER A 120 7.12 12.09 12.32
CA SER A 120 7.56 12.42 10.93
C SER A 120 7.86 11.12 10.19
N HIS A 121 7.94 11.15 8.86
CA HIS A 121 8.17 9.92 8.06
C HIS A 121 9.57 9.33 8.29
N THR A 122 9.66 8.01 8.38
CA THR A 122 10.95 7.31 8.59
C THR A 122 11.86 7.40 7.36
N SER A 123 11.30 7.75 6.20
CA SER A 123 12.10 7.89 4.95
C SER A 123 11.83 9.22 4.27
N GLY A 124 11.45 10.27 5.01
CA GLY A 124 11.30 11.64 4.48
C GLY A 124 9.89 11.89 3.98
N PHE A 125 9.57 11.32 2.82
CA PHE A 125 8.28 11.59 2.12
C PHE A 125 7.27 10.47 2.40
N PHE A 126 7.75 9.32 2.92
CA PHE A 126 6.94 8.10 3.21
C PHE A 126 7.65 7.23 4.26
N SER A 127 6.92 6.26 4.84
CA SER A 127 7.41 5.29 5.85
C SER A 127 7.06 3.86 5.41
N ILE A 128 8.07 3.03 5.18
CA ILE A 128 7.90 1.58 5.01
C ILE A 128 7.49 1.02 6.36
N ARG A 129 6.37 0.33 6.45
CA ARG A 129 5.86 -0.19 7.73
C ARG A 129 6.23 -1.66 7.88
N GLY A 130 6.44 -2.39 6.79
CA GLY A 130 6.87 -3.79 6.84
C GLY A 130 6.89 -4.42 5.46
N TYR A 131 7.54 -5.58 5.35
CA TYR A 131 7.46 -6.40 4.12
C TYR A 131 7.75 -7.86 4.43
N THR A 132 7.30 -8.72 3.54
CA THR A 132 7.48 -10.19 3.64
C THR A 132 8.97 -10.47 3.82
N ASN A 133 9.32 -11.05 4.98
CA ASN A 133 10.68 -11.52 5.34
C ASN A 133 11.52 -10.34 5.84
N SER A 134 10.89 -9.23 6.27
CA SER A 134 11.66 -8.05 6.75
C SER A 134 12.50 -8.50 7.95
N HIS A 135 11.99 -9.42 8.76
CA HIS A 135 12.68 -9.93 9.97
C HIS A 135 14.10 -10.37 9.57
N ASP A 136 14.27 -11.10 8.46
CA ASP A 136 15.56 -11.66 7.96
C ASP A 136 16.60 -10.57 7.68
N TYR A 137 16.16 -9.35 7.40
CA TYR A 137 17.06 -8.20 7.04
C TYR A 137 17.10 -7.20 8.18
N LYS A 138 16.59 -7.59 9.34
CA LYS A 138 16.70 -6.77 10.57
C LYS A 138 16.03 -5.42 10.34
N PHE A 139 14.88 -5.40 9.65
CA PHE A 139 14.10 -4.18 9.37
C PHE A 139 13.43 -3.72 10.67
N ASP A 140 13.41 -2.43 10.95
CA ASP A 140 12.77 -1.94 12.18
C ASP A 140 11.84 -0.79 11.80
N PRO A 141 10.52 -0.96 11.89
CA PRO A 141 9.59 0.12 11.58
C PRO A 141 9.78 1.45 12.34
N ASP A 142 10.53 1.49 13.44
CA ASP A 142 10.72 2.72 14.26
C ASP A 142 11.96 3.49 13.82
N GLU A 143 12.82 2.87 13.02
CA GLU A 143 14.13 3.40 12.58
C GLU A 143 13.98 4.43 11.42
N TYR A 144 14.43 5.68 11.67
CA TYR A 144 14.66 6.72 10.63
C TYR A 144 15.81 6.23 9.77
N LEU A 145 15.65 6.34 8.45
CA LEU A 145 16.57 5.80 7.44
C LEU A 145 17.14 6.92 6.55
N THR A 146 18.38 6.74 6.07
CA THR A 146 18.96 7.50 4.94
C THR A 146 18.26 7.03 3.66
N SER A 147 18.41 7.77 2.55
CA SER A 147 18.09 7.31 1.18
C SER A 147 18.72 5.95 0.90
N GLU A 148 19.91 5.70 1.40
CA GLU A 148 20.63 4.44 1.05
C GLU A 148 19.85 3.28 1.67
N SER A 149 19.45 3.43 2.92
CA SER A 149 18.79 2.38 3.73
C SER A 149 17.37 2.17 3.21
N THR A 150 16.67 3.24 2.89
CA THR A 150 15.33 3.19 2.26
C THR A 150 15.41 2.31 1.01
N ILE A 151 16.36 2.63 0.12
CA ILE A 151 16.52 1.92 -1.18
C ILE A 151 16.89 0.47 -0.87
N ASN A 152 17.71 0.23 0.15
CA ASN A 152 18.23 -1.12 0.46
C ASN A 152 17.07 -2.01 0.91
N HIS A 153 16.16 -1.45 1.70
CA HIS A 153 14.96 -2.18 2.17
C HIS A 153 14.06 -2.57 1.00
N ILE A 154 13.89 -1.68 0.02
CA ILE A 154 13.05 -1.95 -1.18
C ILE A 154 13.75 -3.04 -2.00
N LYS A 155 15.06 -2.98 -2.14
CA LYS A 155 15.82 -4.09 -2.78
C LYS A 155 15.66 -5.39 -1.97
N ASN A 156 15.65 -5.32 -0.65
CA ASN A 156 15.47 -6.51 0.21
C ASN A 156 14.12 -7.15 -0.13
N PHE A 157 13.08 -6.35 -0.23
CA PHE A 157 11.71 -6.84 -0.53
C PHE A 157 11.67 -7.44 -1.94
N MET A 158 12.54 -6.99 -2.84
CA MET A 158 12.53 -7.47 -4.26
C MET A 158 13.32 -8.78 -4.36
N GLU A 159 14.06 -9.18 -3.33
CA GLU A 159 15.04 -10.31 -3.41
C GLU A 159 14.30 -11.63 -3.64
N ALA A 160 13.16 -11.85 -3.00
CA ALA A 160 12.35 -13.08 -3.19
C ALA A 160 11.90 -13.22 -4.66
N GLY A 161 11.98 -12.15 -5.45
CA GLY A 161 11.62 -12.21 -6.88
C GLY A 161 12.70 -12.84 -7.75
N GLY A 162 13.84 -13.22 -7.17
CA GLY A 162 14.86 -14.01 -7.87
C GLY A 162 15.80 -13.13 -8.67
N GLU A 163 16.72 -13.80 -9.38
CA GLU A 163 17.81 -13.15 -10.13
C GLU A 163 17.48 -12.99 -11.62
N ASN A 164 16.24 -13.23 -12.05
CA ASN A 164 15.99 -12.94 -13.47
C ASN A 164 15.86 -11.42 -13.49
N ARG A 165 16.90 -10.74 -13.93
CA ARG A 165 16.92 -9.26 -13.86
C ARG A 165 15.82 -8.68 -14.73
N ASP A 166 15.63 -9.19 -15.94
CA ASP A 166 14.62 -8.66 -16.89
C ASP A 166 13.27 -9.31 -16.65
N LYS A 167 12.73 -9.19 -15.45
CA LYS A 167 11.49 -9.86 -15.04
C LYS A 167 11.13 -9.21 -13.71
N THR A 168 12.15 -8.90 -12.92
CA THR A 168 11.88 -8.11 -11.69
C THR A 168 11.71 -6.66 -12.13
N LYS A 169 12.34 -6.29 -13.26
CA LYS A 169 12.21 -4.93 -13.82
C LYS A 169 10.77 -4.75 -14.28
N GLN A 170 10.22 -5.78 -14.95
CA GLN A 170 8.82 -5.76 -15.44
C GLN A 170 7.90 -5.50 -14.25
N VAL A 171 8.15 -6.11 -13.10
CA VAL A 171 7.42 -5.83 -11.84
C VAL A 171 7.59 -4.35 -11.47
N LEU A 172 8.81 -3.83 -11.45
CA LEU A 172 9.00 -2.41 -11.07
C LEU A 172 8.21 -1.52 -12.07
N LEU A 173 8.27 -1.84 -13.35
CA LEU A 173 7.69 -1.01 -14.43
C LEU A 173 6.15 -1.03 -14.34
N LYS A 174 5.54 -2.18 -14.10
CA LYS A 174 4.07 -2.23 -13.85
C LYS A 174 3.73 -1.41 -12.60
N TRP A 175 4.58 -1.37 -11.57
CA TRP A 175 4.26 -0.54 -10.37
C TRP A 175 4.33 0.93 -10.75
N ILE A 176 5.38 1.31 -11.46
CA ILE A 176 5.61 2.70 -11.91
C ILE A 176 4.41 3.17 -12.75
N MET A 177 3.92 2.29 -13.61
CA MET A 177 2.81 2.58 -14.53
C MET A 177 1.58 2.98 -13.71
N LYS A 178 1.20 2.21 -12.70
CA LYS A 178 -0.01 2.49 -11.87
C LYS A 178 0.25 3.63 -10.86
N LEU A 179 1.43 3.73 -10.26
CA LEU A 179 1.72 4.84 -9.30
C LEU A 179 1.70 6.20 -10.03
N SER A 180 2.20 6.24 -11.26
CA SER A 180 2.18 7.40 -12.17
C SER A 180 0.75 7.92 -12.37
N GLU A 181 -0.13 7.03 -12.77
CA GLU A 181 -1.55 7.38 -12.97
C GLU A 181 -2.14 7.84 -11.65
N LEU A 182 -1.78 7.18 -10.55
CA LEU A 182 -2.36 7.50 -9.23
C LEU A 182 -1.96 8.94 -8.83
N ALA A 183 -0.70 9.29 -9.00
CA ALA A 183 -0.16 10.63 -8.67
C ALA A 183 -0.88 11.67 -9.51
N ASN A 184 -0.95 11.43 -10.81
CA ASN A 184 -1.69 12.27 -11.77
C ASN A 184 -3.12 12.50 -11.27
N ASP A 185 -3.84 11.43 -10.96
CA ASP A 185 -5.26 11.47 -10.56
C ASP A 185 -5.37 12.15 -9.17
N LEU A 186 -4.37 12.00 -8.32
CA LEU A 186 -4.45 12.60 -6.95
C LEU A 186 -4.54 14.14 -7.02
N PHE A 187 -3.98 14.80 -8.03
CA PHE A 187 -4.08 16.28 -8.21
C PHE A 187 -5.55 16.73 -8.28
N GLU A 188 -6.48 15.83 -8.60
CA GLU A 188 -7.89 16.18 -8.87
C GLU A 188 -8.78 15.72 -7.72
N ILE A 189 -8.21 15.34 -6.58
CA ILE A 189 -9.00 14.72 -5.48
C ILE A 189 -8.75 15.48 -4.18
N ASN A 190 -9.85 15.95 -3.60
CA ASN A 190 -9.86 16.91 -2.46
C ASN A 190 -10.12 16.13 -1.16
N LEU A 191 -9.15 15.30 -0.83
CA LEU A 191 -9.14 14.47 0.39
C LEU A 191 -7.75 14.63 0.99
N LYS A 192 -7.66 14.58 2.33
CA LYS A 192 -6.37 14.49 3.03
C LYS A 192 -6.21 13.01 3.37
N PHE A 193 -5.28 12.34 2.72
CA PHE A 193 -5.07 10.87 2.83
C PHE A 193 -4.25 10.56 4.08
N ASP A 194 -4.58 11.22 5.18
CA ASP A 194 -3.93 10.93 6.49
C ASP A 194 -3.99 9.42 6.70
N GLY A 195 -2.83 8.80 6.90
CA GLY A 195 -2.73 7.43 7.43
C GLY A 195 -2.73 6.37 6.35
N VAL A 196 -3.01 6.70 5.07
CA VAL A 196 -3.21 5.66 4.02
C VAL A 196 -1.86 5.04 3.65
N SER A 197 -1.90 3.78 3.24
CA SER A 197 -0.73 3.02 2.77
C SER A 197 -0.94 2.57 1.32
N LEU A 198 0.18 2.29 0.67
CA LEU A 198 0.31 1.50 -0.57
C LEU A 198 0.65 0.08 -0.14
N ILE A 199 -0.10 -0.88 -0.64
CA ILE A 199 0.24 -2.31 -0.53
C ILE A 199 0.82 -2.73 -1.87
N PHE A 200 2.13 -2.91 -1.90
CA PHE A 200 2.83 -3.48 -3.07
C PHE A 200 2.76 -5.01 -2.99
N ILE A 201 2.43 -5.71 -4.08
CA ILE A 201 2.44 -7.21 -4.11
C ILE A 201 3.12 -7.72 -5.38
N TYR A 202 3.89 -8.78 -5.28
CA TYR A 202 4.40 -9.51 -6.46
C TYR A 202 4.50 -10.99 -6.09
N ASP A 203 4.18 -11.85 -7.04
CA ASP A 203 4.36 -13.31 -6.89
C ASP A 203 5.86 -13.64 -6.99
N ASP A 204 6.35 -14.64 -6.23
CA ASP A 204 7.75 -15.14 -6.29
C ASP A 204 8.20 -15.30 -7.74
N ASP A 205 7.34 -15.80 -8.64
CA ASP A 205 7.77 -16.11 -10.03
C ASP A 205 7.77 -14.84 -10.89
N CYS A 206 7.44 -13.68 -10.30
CA CYS A 206 7.30 -12.37 -10.98
C CYS A 206 6.35 -12.44 -12.18
N SER A 207 5.38 -13.36 -12.22
CA SER A 207 4.40 -13.46 -13.34
C SER A 207 3.29 -12.42 -13.17
N LYS A 208 3.18 -11.83 -11.98
CA LYS A 208 1.98 -11.07 -11.53
C LYS A 208 2.43 -10.05 -10.46
N CYS A 209 1.94 -8.80 -10.49
CA CYS A 209 2.15 -7.83 -9.38
C CYS A 209 1.05 -6.79 -9.36
N ASP A 210 0.94 -6.05 -8.28
CA ASP A 210 0.01 -4.90 -8.25
C ASP A 210 0.43 -4.01 -7.09
N VAL A 211 -0.24 -2.87 -7.01
CA VAL A 211 -0.18 -1.96 -5.84
C VAL A 211 -1.53 -1.28 -5.75
N ASN A 212 -2.05 -1.15 -4.54
CA ASN A 212 -3.36 -0.55 -4.27
C ASN A 212 -3.25 0.35 -3.05
N VAL A 213 -4.17 1.26 -2.88
CA VAL A 213 -4.23 2.22 -1.75
C VAL A 213 -5.20 1.63 -0.71
N VAL A 214 -4.81 1.61 0.57
CA VAL A 214 -5.66 1.05 1.66
C VAL A 214 -5.70 1.96 2.89
N ASP A 215 -6.70 1.72 3.74
CA ASP A 215 -6.80 2.21 5.14
C ASP A 215 -7.23 3.67 5.12
N PHE A 216 -8.53 3.90 5.04
CA PHE A 216 -9.14 5.24 4.96
C PHE A 216 -9.63 5.72 6.34
N SER A 217 -9.29 5.05 7.44
CA SER A 217 -9.83 5.35 8.80
C SER A 217 -9.62 6.84 9.17
N ARG A 218 -8.53 7.49 8.74
CA ARG A 218 -8.17 8.86 9.18
C ARG A 218 -8.23 9.86 8.00
N VAL A 219 -8.86 9.49 6.89
CA VAL A 219 -8.97 10.40 5.71
C VAL A 219 -10.04 11.46 5.98
N LYS A 220 -9.84 12.67 5.45
CA LYS A 220 -10.68 13.88 5.70
C LYS A 220 -11.04 14.60 4.40
N LEU A 221 -12.20 15.24 4.38
CA LEU A 221 -12.59 16.18 3.31
C LEU A 221 -11.68 17.41 3.47
N ILE A 222 -11.13 17.93 2.38
CA ILE A 222 -10.50 19.28 2.37
C ILE A 222 -10.91 20.02 1.08
N ASP A 223 -10.39 21.24 0.89
CA ASP A 223 -10.79 22.17 -0.22
C ASP A 223 -9.70 22.21 -1.31
N THR A 224 -8.55 21.56 -1.09
CA THR A 224 -7.43 21.41 -2.05
C THR A 224 -7.10 19.92 -2.25
N ASN A 225 -6.00 19.66 -2.94
CA ASN A 225 -5.45 18.29 -3.08
C ASN A 225 -4.38 18.11 -2.01
N ASP A 226 -3.96 16.87 -1.80
CA ASP A 226 -3.00 16.50 -0.74
C ASP A 226 -1.61 16.41 -1.36
N GLN A 227 -0.85 17.50 -1.24
CA GLN A 227 0.50 17.64 -1.84
C GLN A 227 1.52 16.74 -1.11
N MET A 228 1.35 16.53 0.19
CA MET A 228 2.24 15.66 0.98
C MET A 228 2.13 14.25 0.38
N THR A 229 0.89 13.75 0.24
CA THR A 229 0.62 12.37 -0.24
C THR A 229 1.11 12.25 -1.69
N ILE A 230 0.90 13.29 -2.51
CA ILE A 230 1.42 13.32 -3.92
C ILE A 230 2.96 13.23 -3.90
N SER A 231 3.66 13.89 -2.98
CA SER A 231 5.15 13.91 -2.96
C SER A 231 5.69 12.52 -2.57
N ALA A 232 5.01 11.83 -1.68
CA ALA A 232 5.31 10.44 -1.30
C ALA A 232 5.29 9.54 -2.55
N VAL A 233 4.22 9.61 -3.32
CA VAL A 233 4.04 8.76 -4.53
C VAL A 233 5.14 9.13 -5.51
N THR A 234 5.36 10.41 -5.76
CA THR A 234 6.38 10.86 -6.76
C THR A 234 7.75 10.40 -6.29
N ASN A 235 8.01 10.43 -4.99
CA ASN A 235 9.34 10.06 -4.46
C ASN A 235 9.52 8.55 -4.72
N LEU A 236 8.46 7.76 -4.51
CA LEU A 236 8.49 6.29 -4.76
C LEU A 236 8.73 6.04 -6.24
N ILE A 237 8.07 6.80 -7.10
CA ILE A 237 8.17 6.60 -8.57
C ILE A 237 9.63 6.81 -8.91
N LYS A 238 10.24 7.82 -8.30
CA LYS A 238 11.67 8.16 -8.54
C LYS A 238 12.55 6.97 -8.14
N ILE A 239 12.33 6.44 -6.95
CA ILE A 239 13.16 5.34 -6.37
C ILE A 239 13.00 4.10 -7.24
N LEU A 240 11.77 3.70 -7.52
CA LEU A 240 11.50 2.52 -8.40
C LEU A 240 12.10 2.73 -9.81
N SER A 241 12.08 3.95 -10.33
CA SER A 241 12.66 4.28 -11.67
C SER A 241 14.18 4.07 -11.69
N GLU A 242 14.86 4.52 -10.64
CA GLU A 242 16.32 4.32 -10.42
C GLU A 242 16.58 2.81 -10.31
N LEU A 243 15.76 2.06 -9.61
CA LEU A 243 15.95 0.58 -9.60
C LEU A 243 15.66 0.00 -11.00
N ALA A 244 14.57 0.35 -11.67
CA ALA A 244 14.26 -0.23 -13.00
C ALA A 244 15.41 0.10 -13.95
N ASP A 245 16.15 1.19 -13.73
CA ASP A 245 17.21 1.66 -14.66
C ASP A 245 18.62 1.20 -14.30
N ASN A 246 19.00 1.02 -13.04
CA ASN A 246 20.44 0.72 -12.74
C ASN A 246 20.76 -0.63 -13.39
N PRO A 247 22.02 -0.85 -13.80
CA PRO A 247 22.41 -2.06 -14.53
C PRO A 247 23.00 -3.20 -13.66
N LEU A 248 23.04 -3.02 -12.34
CA LEU A 248 23.76 -3.89 -11.37
C LEU A 248 23.03 -5.22 -11.21
#